data_3WF6
#
_entry.id   3WF6
#
_cell.length_a   69.073
_cell.length_b   69.073
_cell.length_c   144.983
_cell.angle_alpha   90.00
_cell.angle_beta   90.00
_cell.angle_gamma   90.00
#
_symmetry.space_group_name_H-M   'P 41 21 2'
#
loop_
_entity.id
_entity.type
_entity.pdbx_description
1 polymer 'Ribosomal protein S6 kinase beta-1'
2 non-polymer 'ZINC ION'
3 non-polymer 4-[4-(1H-indol-3-yl)-3,6-dihydropyridin-1(2H)-yl]-1H-pyrazolo[3,4-d]pyrimidine
4 water water
#
_entity_poly.entity_id   1
_entity_poly.type   'polypeptide(L)'
_entity_poly.pdbx_seq_one_letter_code
;GSFTSSGSVNRGPEKIRPECFELLRVLGKGGYGKVFQVRKVTGANTGKIFAMKVLKKAMIVRNAKDTAHTKAERNILEEV
KHPFIVDLIYAFQTGGKLYLILEYLSGGELFMQLEREGIFMEDTACFYLAEISMALGHLHQKGIIYRDLKPENIMLNHQG
HVKLTDFGLCKESIHDGTVTH(TPO)FCGTIEYMAPEILMRSGHNRAVDWWSLGALMYDMLTGAPPFTGENRKKTIDKIL
KCKLNLPPYLTQEARDLLKKLLKRNAASRLGAGPGDAGEVQAHPFFRHINWEELLARKVEPPFKPLLQSEEDVSQFDSKF
TRQTPVDSPDDST
;
_entity_poly.pdbx_strand_id   A
#
loop_
_chem_comp.id
_chem_comp.type
_chem_comp.name
_chem_comp.formula
FZ9 non-polymer 4-[4-(1H-indol-3-yl)-3,6-dihydropyridin-1(2H)-yl]-1H-pyrazolo[3,4-d]pyrimidine 'C18 H16 N6'
ZN non-polymer 'ZINC ION' 'Zn 2'
#
# COMPACT_ATOMS: atom_id res chain seq x y z
N LYS A 15 -29.62 -1.21 -12.98
CA LYS A 15 -29.03 -2.49 -12.62
C LYS A 15 -27.72 -2.68 -13.38
N ILE A 16 -26.65 -2.95 -12.64
CA ILE A 16 -25.33 -3.11 -13.25
C ILE A 16 -25.00 -4.58 -13.49
N ARG A 17 -24.36 -4.85 -14.62
CA ARG A 17 -24.00 -6.21 -14.99
C ARG A 17 -22.71 -6.16 -15.82
N PRO A 18 -22.11 -7.33 -16.12
CA PRO A 18 -20.82 -7.25 -16.83
C PRO A 18 -20.94 -6.65 -18.24
N GLU A 19 -22.10 -6.78 -18.86
CA GLU A 19 -22.31 -6.28 -20.23
C GLU A 19 -22.26 -4.75 -20.29
N CYS A 20 -22.29 -4.10 -19.15
CA CYS A 20 -22.25 -2.64 -19.10
C CYS A 20 -20.82 -2.13 -19.30
N PHE A 21 -19.89 -3.05 -19.45
CA PHE A 21 -18.47 -2.69 -19.54
C PHE A 21 -17.76 -3.37 -20.69
N GLU A 22 -17.11 -2.59 -21.54
CA GLU A 22 -16.23 -3.23 -22.51
C GLU A 22 -14.82 -3.26 -21.95
N LEU A 23 -14.16 -4.37 -22.21
CA LEU A 23 -12.84 -4.64 -21.69
C LEU A 23 -11.85 -3.97 -22.59
N LEU A 24 -10.91 -3.24 -22.02
CA LEU A 24 -9.94 -2.51 -22.81
C LEU A 24 -8.57 -3.16 -22.71
N ARG A 25 -8.19 -3.60 -21.51
CA ARG A 25 -6.92 -4.34 -21.36
C ARG A 25 -6.77 -4.98 -20.00
N VAL A 26 -5.91 -5.99 -19.93
CA VAL A 26 -5.62 -6.67 -18.67
C VAL A 26 -4.63 -5.85 -17.84
N LEU A 27 -5.03 -5.43 -16.65
CA LEU A 27 -4.12 -4.67 -15.78
C LEU A 27 -3.30 -5.58 -14.89
N GLY A 28 -3.87 -6.72 -14.51
CA GLY A 28 -3.16 -7.70 -13.72
C GLY A 28 -3.97 -8.97 -13.62
N LYS A 29 -3.30 -10.09 -13.39
CA LYS A 29 -3.98 -11.36 -13.23
C LYS A 29 -3.28 -12.24 -12.22
N GLY A 30 -4.04 -12.69 -11.23
CA GLY A 30 -3.50 -13.52 -10.18
C GLY A 30 -4.20 -14.87 -10.21
N GLY A 31 -3.96 -15.69 -9.20
CA GLY A 31 -4.60 -16.98 -9.11
C GLY A 31 -6.07 -16.84 -8.76
N TYR A 32 -6.41 -15.82 -8.00
CA TYR A 32 -7.76 -15.71 -7.46
C TYR A 32 -8.61 -14.69 -8.17
N GLY A 33 -7.98 -13.76 -8.85
CA GLY A 33 -8.71 -12.72 -9.56
C GLY A 33 -8.02 -12.26 -10.82
N LYS A 34 -8.59 -11.22 -11.43
CA LYS A 34 -8.05 -10.65 -12.64
C LYS A 34 -8.57 -9.21 -12.73
N VAL A 35 -7.72 -8.28 -13.16
CA VAL A 35 -8.12 -6.87 -13.23
C VAL A 35 -8.03 -6.31 -14.65
N PHE A 36 -9.11 -5.65 -15.08
CA PHE A 36 -9.17 -5.04 -16.40
C PHE A 36 -9.33 -3.52 -16.27
N GLN A 37 -8.79 -2.79 -17.24
CA GLN A 37 -9.27 -1.45 -17.56
C GLN A 37 -10.53 -1.60 -18.42
N VAL A 38 -11.59 -0.86 -18.10
CA VAL A 38 -12.90 -1.08 -18.74
C VAL A 38 -13.52 0.26 -19.06
N ARG A 39 -14.42 0.29 -20.02
CA ARG A 39 -15.18 1.48 -20.31
C ARG A 39 -16.65 1.16 -20.08
N LYS A 40 -17.34 1.99 -19.32
CA LYS A 40 -18.78 1.81 -19.16
C LYS A 40 -19.46 2.29 -20.44
N VAL A 41 -20.44 1.54 -20.91
CA VAL A 41 -21.09 1.90 -22.17
C VAL A 41 -22.59 2.19 -22.00
N THR A 42 -23.08 2.13 -20.77
CA THR A 42 -24.47 2.45 -20.48
C THR A 42 -24.59 3.49 -19.36
N GLY A 43 -25.78 4.06 -19.20
CA GLY A 43 -26.02 4.99 -18.10
C GLY A 43 -25.29 6.32 -18.24
N ALA A 44 -25.36 7.14 -17.19
CA ALA A 44 -24.86 8.51 -17.25
C ALA A 44 -23.35 8.59 -17.10
N ASN A 45 -22.74 7.50 -16.66
CA ASN A 45 -21.29 7.39 -16.70
C ASN A 45 -20.85 6.70 -17.98
N THR A 46 -21.67 6.76 -19.02
CA THR A 46 -21.27 6.27 -20.33
C THR A 46 -19.95 6.92 -20.76
N GLY A 47 -19.00 6.08 -21.16
CA GLY A 47 -17.71 6.54 -21.63
C GLY A 47 -16.68 6.58 -20.52
N LYS A 48 -17.16 6.47 -19.28
CA LYS A 48 -16.26 6.58 -18.12
C LYS A 48 -15.37 5.34 -18.04
N ILE A 49 -14.09 5.55 -17.68
CA ILE A 49 -13.13 4.48 -17.55
C ILE A 49 -13.00 4.03 -16.09
N PHE A 50 -13.04 2.72 -15.87
CA PHE A 50 -12.89 2.17 -14.54
C PHE A 50 -11.88 1.04 -14.52
N ALA A 51 -11.57 0.56 -13.31
CA ALA A 51 -10.86 -0.68 -13.13
C ALA A 51 -11.88 -1.72 -12.71
N MET A 52 -11.85 -2.88 -13.34
CA MET A 52 -12.77 -3.95 -12.97
C MET A 52 -12.01 -5.16 -12.48
N LYS A 53 -12.25 -5.53 -11.23
CA LYS A 53 -11.61 -6.68 -10.65
C LYS A 53 -12.62 -7.82 -10.61
N VAL A 54 -12.21 -8.97 -11.12
CA VAL A 54 -13.11 -10.10 -11.20
C VAL A 54 -12.58 -11.22 -10.34
N LEU A 55 -13.38 -11.65 -9.37
CA LEU A 55 -12.96 -12.66 -8.40
C LEU A 55 -13.78 -13.95 -8.54
N LYS A 56 -13.08 -15.07 -8.61
CA LYS A 56 -13.72 -16.38 -8.65
C LYS A 56 -14.09 -16.80 -7.24
N LYS A 57 -15.37 -16.65 -6.88
CA LYS A 57 -15.84 -17.01 -5.54
C LYS A 57 -15.91 -18.53 -5.37
N THR A 70 -12.62 -13.09 -0.24
CA THR A 70 -13.05 -12.03 -1.14
C THR A 70 -14.15 -11.18 -0.51
N LYS A 71 -14.63 -11.63 0.64
CA LYS A 71 -15.72 -10.94 1.34
C LYS A 71 -15.24 -9.76 2.17
N ALA A 72 -14.11 -9.92 2.86
CA ALA A 72 -13.58 -8.82 3.64
C ALA A 72 -13.10 -7.69 2.71
N GLU A 73 -12.66 -8.05 1.51
CA GLU A 73 -12.22 -7.04 0.55
C GLU A 73 -13.34 -6.07 0.19
N ARG A 74 -14.47 -6.59 -0.26
CA ARG A 74 -15.58 -5.72 -0.62
C ARG A 74 -16.03 -4.92 0.59
N ASN A 75 -16.10 -5.57 1.74
CA ASN A 75 -16.57 -4.92 2.97
C ASN A 75 -15.70 -3.72 3.34
N ILE A 76 -14.39 -3.90 3.27
CA ILE A 76 -13.45 -2.82 3.54
C ILE A 76 -13.70 -1.64 2.60
N LEU A 77 -13.74 -1.89 1.29
CA LEU A 77 -13.87 -0.82 0.30
C LEU A 77 -15.19 -0.08 0.42
N GLU A 78 -16.24 -0.75 0.89
CA GLU A 78 -17.53 -0.09 1.05
C GLU A 78 -17.56 0.79 2.30
N GLU A 79 -16.66 0.52 3.23
CA GLU A 79 -16.62 1.24 4.50
C GLU A 79 -15.64 2.40 4.47
N VAL A 80 -14.53 2.20 3.76
CA VAL A 80 -13.50 3.22 3.65
C VAL A 80 -13.89 4.32 2.67
N LYS A 81 -13.32 5.50 2.87
CA LYS A 81 -13.60 6.67 2.07
C LYS A 81 -12.58 7.75 2.42
N HIS A 82 -11.55 7.88 1.60
CA HIS A 82 -10.41 8.72 1.91
C HIS A 82 -9.70 9.00 0.60
N PRO A 83 -9.14 10.21 0.46
CA PRO A 83 -8.48 10.61 -0.80
C PRO A 83 -7.31 9.72 -1.21
N PHE A 84 -6.72 9.02 -0.24
CA PHE A 84 -5.54 8.22 -0.51
C PHE A 84 -5.84 6.73 -0.47
N ILE A 85 -7.13 6.42 -0.45
CA ILE A 85 -7.57 5.03 -0.60
C ILE A 85 -8.44 4.91 -1.84
N VAL A 86 -8.20 3.87 -2.63
CA VAL A 86 -8.92 3.70 -3.89
C VAL A 86 -10.45 3.59 -3.68
N ASP A 87 -11.22 4.19 -4.58
CA ASP A 87 -12.67 4.21 -4.45
C ASP A 87 -13.36 3.01 -5.10
N LEU A 88 -14.38 2.51 -4.42
CA LEU A 88 -15.22 1.46 -4.97
C LEU A 88 -16.51 2.07 -5.51
N ILE A 89 -16.76 1.92 -6.81
CA ILE A 89 -17.93 2.55 -7.45
C ILE A 89 -19.14 1.63 -7.51
N TYR A 90 -18.96 0.45 -8.11
CA TYR A 90 -20.04 -0.56 -8.13
C TYR A 90 -19.50 -1.88 -7.61
N ALA A 91 -20.41 -2.75 -7.19
CA ALA A 91 -20.04 -4.11 -6.82
C ALA A 91 -21.22 -5.03 -7.09
N PHE A 92 -20.96 -6.12 -7.79
CA PHE A 92 -22.00 -7.07 -8.14
C PHE A 92 -21.42 -8.46 -8.39
N GLN A 93 -22.31 -9.44 -8.30
CA GLN A 93 -21.96 -10.84 -8.49
C GLN A 93 -22.86 -11.45 -9.54
N THR A 94 -22.27 -12.15 -10.50
CA THR A 94 -23.06 -12.83 -11.54
C THR A 94 -22.35 -14.07 -12.01
N GLY A 95 -23.06 -15.20 -11.98
CA GLY A 95 -22.40 -16.48 -12.11
C GLY A 95 -21.66 -16.69 -10.80
N GLY A 96 -20.47 -17.26 -10.87
CA GLY A 96 -19.69 -17.49 -9.68
C GLY A 96 -18.75 -16.35 -9.38
N LYS A 97 -18.77 -15.33 -10.23
CA LYS A 97 -17.80 -14.24 -10.12
C LYS A 97 -18.33 -13.05 -9.30
N LEU A 98 -17.43 -12.45 -8.53
CA LEU A 98 -17.69 -11.17 -7.90
C LEU A 98 -16.98 -10.08 -8.69
N TYR A 99 -17.71 -9.01 -8.99
CA TYR A 99 -17.15 -7.90 -9.76
C TYR A 99 -17.03 -6.65 -8.92
N LEU A 100 -15.81 -6.17 -8.74
CA LEU A 100 -15.63 -4.87 -8.13
C LEU A 100 -15.24 -3.87 -9.21
N ILE A 101 -15.93 -2.74 -9.23
CA ILE A 101 -15.66 -1.67 -10.18
C ILE A 101 -15.07 -0.53 -9.41
N LEU A 102 -13.77 -0.34 -9.59
CA LEU A 102 -12.99 0.62 -8.84
C LEU A 102 -12.63 1.81 -9.72
N GLU A 103 -12.22 2.90 -9.10
CA GLU A 103 -11.68 4.00 -9.87
C GLU A 103 -10.41 3.52 -10.57
N TYR A 104 -10.26 3.92 -11.82
CA TYR A 104 -9.08 3.59 -12.59
C TYR A 104 -7.93 4.50 -12.17
N LEU A 105 -6.77 3.91 -11.90
CA LEU A 105 -5.60 4.63 -11.44
C LEU A 105 -4.50 4.58 -12.50
N SER A 106 -4.33 5.63 -13.27
CA SER A 106 -3.43 5.58 -14.42
C SER A 106 -1.98 5.85 -14.03
N GLY A 107 -1.75 6.18 -12.77
CA GLY A 107 -0.43 6.57 -12.31
C GLY A 107 0.56 5.45 -12.08
N GLY A 108 0.12 4.20 -12.20
CA GLY A 108 1.00 3.07 -12.01
C GLY A 108 1.38 2.81 -10.55
N GLU A 109 2.28 1.87 -10.34
CA GLU A 109 2.70 1.50 -9.00
C GLU A 109 3.73 2.49 -8.51
N LEU A 110 3.72 2.69 -7.20
CA LEU A 110 4.74 3.48 -6.54
C LEU A 110 6.09 2.90 -6.94
N PHE A 111 6.20 1.59 -6.79
CA PHE A 111 7.34 0.77 -7.27
C PHE A 111 8.04 1.24 -8.55
N MET A 112 7.25 1.58 -9.56
CA MET A 112 7.82 1.92 -10.85
C MET A 112 8.68 3.18 -10.72
N GLN A 113 8.22 4.13 -9.91
CA GLN A 113 8.93 5.36 -9.63
C GLN A 113 10.21 5.08 -8.86
N LEU A 114 10.12 4.21 -7.87
CA LEU A 114 11.30 3.85 -7.09
C LEU A 114 12.31 3.13 -8.01
N GLU A 115 11.78 2.32 -8.93
CA GLU A 115 12.64 1.54 -9.83
C GLU A 115 13.39 2.44 -10.81
N ARG A 116 12.72 3.50 -11.27
CA ARG A 116 13.38 4.40 -12.20
C ARG A 116 14.39 5.31 -11.49
N GLU A 117 14.07 5.74 -10.26
CA GLU A 117 14.92 6.67 -9.53
C GLU A 117 16.10 6.04 -8.77
N GLY A 118 16.02 4.73 -8.52
CA GLY A 118 17.04 4.04 -7.74
C GLY A 118 16.86 4.30 -6.26
N ILE A 119 17.04 5.55 -5.88
CA ILE A 119 16.81 6.02 -4.51
C ILE A 119 16.03 7.32 -4.57
N PHE A 120 15.06 7.48 -3.69
CA PHE A 120 14.32 8.73 -3.59
C PHE A 120 15.11 9.78 -2.79
N MET A 121 15.03 11.03 -3.23
CA MET A 121 15.40 12.15 -2.38
C MET A 121 14.46 12.16 -1.18
N GLU A 122 14.91 12.71 -0.05
CA GLU A 122 14.12 12.64 1.17
C GLU A 122 12.79 13.39 1.06
N ASP A 123 12.78 14.54 0.39
CA ASP A 123 11.52 15.26 0.18
C ASP A 123 10.57 14.37 -0.60
N THR A 124 11.12 13.66 -1.58
CA THR A 124 10.34 12.76 -2.43
C THR A 124 9.71 11.67 -1.60
N ALA A 125 10.55 10.93 -0.87
CA ALA A 125 10.11 9.88 0.04
C ALA A 125 9.12 10.41 1.06
N CYS A 126 9.45 11.56 1.66
CA CYS A 126 8.61 12.23 2.63
C CYS A 126 7.18 12.44 2.15
N PHE A 127 7.08 12.98 0.93
CA PHE A 127 5.78 13.22 0.33
C PHE A 127 4.92 11.97 0.39
N TYR A 128 5.42 10.87 -0.16
CA TYR A 128 4.64 9.64 -0.30
C TYR A 128 4.33 9.01 1.05
N LEU A 129 5.29 9.04 1.97
CA LEU A 129 5.08 8.43 3.28
C LEU A 129 4.04 9.22 4.04
N ALA A 130 4.08 10.54 3.87
CA ALA A 130 3.11 11.39 4.53
C ALA A 130 1.69 11.08 4.06
N GLU A 131 1.50 10.88 2.75
CA GLU A 131 0.15 10.60 2.25
C GLU A 131 -0.28 9.25 2.78
N ILE A 132 0.64 8.29 2.65
CA ILE A 132 0.40 6.94 3.12
C ILE A 132 0.01 6.92 4.61
N SER A 133 0.75 7.64 5.44
CA SER A 133 0.46 7.64 6.87
C SER A 133 -0.96 8.14 7.15
N MET A 134 -1.48 9.01 6.27
CA MET A 134 -2.85 9.52 6.44
C MET A 134 -3.87 8.44 6.06
N ALA A 135 -3.56 7.69 5.00
CA ALA A 135 -4.44 6.60 4.61
C ALA A 135 -4.49 5.57 5.71
N LEU A 136 -3.35 5.34 6.35
CA LEU A 136 -3.25 4.33 7.41
C LEU A 136 -4.00 4.78 8.64
N GLY A 137 -3.94 6.08 8.94
CA GLY A 137 -4.71 6.64 10.03
C GLY A 137 -6.19 6.32 9.85
N HIS A 138 -6.68 6.54 8.63
CA HIS A 138 -8.08 6.29 8.30
C HIS A 138 -8.48 4.82 8.47
N LEU A 139 -7.64 3.93 7.97
CA LEU A 139 -7.88 2.51 8.09
C LEU A 139 -7.96 2.06 9.55
N HIS A 140 -7.03 2.56 10.37
CA HIS A 140 -6.96 2.14 11.75
C HIS A 140 -8.18 2.63 12.52
N GLN A 141 -8.59 3.88 12.29
CA GLN A 141 -9.81 4.41 12.90
C GLN A 141 -11.03 3.55 12.58
N LYS A 142 -10.93 2.72 11.53
CA LYS A 142 -12.00 1.79 11.21
C LYS A 142 -11.64 0.32 11.46
N GLY A 143 -10.58 0.10 12.23
CA GLY A 143 -10.19 -1.24 12.63
C GLY A 143 -9.61 -2.08 11.49
N ILE A 144 -9.10 -1.41 10.46
CA ILE A 144 -8.53 -2.10 9.32
C ILE A 144 -7.01 -2.05 9.33
N ILE A 145 -6.37 -3.19 9.08
CA ILE A 145 -4.90 -3.27 9.01
C ILE A 145 -4.42 -3.54 7.57
N TYR A 146 -3.52 -2.71 7.05
CA TYR A 146 -3.03 -2.90 5.69
C TYR A 146 -1.99 -4.02 5.54
N ARG A 147 -1.18 -4.22 6.58
CA ARG A 147 -0.20 -5.31 6.67
C ARG A 147 1.04 -5.18 5.77
N ASP A 148 0.86 -4.80 4.51
CA ASP A 148 1.96 -4.96 3.55
C ASP A 148 2.15 -3.75 2.66
N LEU A 149 3.12 -2.90 3.01
CA LEU A 149 3.35 -1.71 2.20
C LEU A 149 4.46 -1.88 1.19
N LYS A 150 4.67 -3.10 0.70
CA LYS A 150 5.58 -3.25 -0.44
C LYS A 150 5.12 -2.27 -1.53
N PRO A 151 6.08 -1.59 -2.18
CA PRO A 151 5.75 -0.51 -3.13
C PRO A 151 4.89 -0.92 -4.35
N GLU A 152 4.89 -2.17 -4.76
CA GLU A 152 3.96 -2.56 -5.83
C GLU A 152 2.51 -2.60 -5.35
N ASN A 153 2.30 -2.42 -4.05
CA ASN A 153 0.97 -2.43 -3.45
C ASN A 153 0.50 -1.04 -3.13
N ILE A 154 1.18 -0.06 -3.71
CA ILE A 154 0.77 1.31 -3.56
C ILE A 154 0.68 1.88 -4.97
N MET A 155 -0.50 2.37 -5.32
CA MET A 155 -0.67 2.96 -6.61
C MET A 155 -0.70 4.47 -6.55
N LEU A 156 -0.57 5.06 -7.73
CA LEU A 156 -0.59 6.50 -7.88
C LEU A 156 -1.75 6.83 -8.77
N ASN A 157 -2.46 7.91 -8.49
CA ASN A 157 -3.54 8.32 -9.37
C ASN A 157 -2.96 9.16 -10.53
N HIS A 158 -3.82 9.76 -11.34
CA HIS A 158 -3.31 10.49 -12.50
C HIS A 158 -2.52 11.73 -12.10
N GLN A 159 -2.80 12.29 -10.92
CA GLN A 159 -2.10 13.46 -10.40
C GLN A 159 -0.73 13.10 -9.79
N GLY A 160 -0.57 11.84 -9.40
CA GLY A 160 0.66 11.40 -8.77
C GLY A 160 0.51 11.27 -7.28
N HIS A 161 -0.73 11.28 -6.81
CA HIS A 161 -1.02 11.08 -5.40
C HIS A 161 -1.26 9.62 -5.09
N VAL A 162 -0.92 9.25 -3.88
CA VAL A 162 -1.04 7.90 -3.38
C VAL A 162 -2.48 7.39 -3.34
N LYS A 163 -2.64 6.12 -3.73
CA LYS A 163 -3.83 5.33 -3.48
C LYS A 163 -3.50 3.92 -2.95
N LEU A 164 -3.84 3.65 -1.69
CA LEU A 164 -3.79 2.27 -1.23
C LEU A 164 -4.87 1.47 -1.95
N THR A 165 -4.50 0.28 -2.45
CA THR A 165 -5.39 -0.50 -3.33
C THR A 165 -5.52 -1.98 -2.99
N ASP A 166 -4.65 -2.50 -2.14
CA ASP A 166 -4.51 -3.95 -1.97
C ASP A 166 -5.19 -4.51 -0.71
N PHE A 167 -6.42 -4.97 -0.88
CA PHE A 167 -7.22 -5.44 0.24
C PHE A 167 -7.71 -6.86 -0.02
N GLY A 168 -7.33 -7.41 -1.17
CA GLY A 168 -7.80 -8.72 -1.59
C GLY A 168 -6.97 -9.84 -1.01
N LEU A 169 -7.17 -11.04 -1.53
CA LEU A 169 -6.58 -12.24 -0.94
C LEU A 169 -5.10 -12.38 -1.24
N CYS A 170 -4.77 -12.44 -2.51
CA CYS A 170 -3.40 -12.68 -2.93
C CYS A 170 -3.25 -12.46 -4.43
N LYS A 171 -2.28 -11.63 -4.81
CA LYS A 171 -2.08 -11.29 -6.21
C LYS A 171 -1.08 -12.21 -6.92
N GLU A 172 -0.70 -13.31 -6.27
CA GLU A 172 0.38 -14.12 -6.78
C GLU A 172 -0.10 -15.28 -7.66
N SER A 173 0.83 -15.82 -8.45
CA SER A 173 0.54 -17.00 -9.28
C SER A 173 0.73 -18.28 -8.47
N ILE A 174 1.92 -18.44 -7.90
CA ILE A 174 2.27 -19.62 -7.10
C ILE A 174 2.13 -19.32 -5.61
N HIS A 175 1.53 -20.24 -4.87
CA HIS A 175 1.10 -19.92 -3.51
C HIS A 175 1.85 -20.68 -2.41
N ASP A 176 2.40 -19.93 -1.46
CA ASP A 176 3.11 -20.50 -0.33
C ASP A 176 2.15 -21.28 0.55
N GLY A 177 2.61 -22.42 1.04
CA GLY A 177 1.75 -23.32 1.78
C GLY A 177 0.62 -23.76 0.87
N THR A 178 -0.54 -24.02 1.46
CA THR A 178 -1.70 -24.41 0.68
C THR A 178 -2.99 -23.96 1.33
N VAL A 179 -2.88 -23.00 2.24
CA VAL A 179 -4.04 -22.53 2.97
C VAL A 179 -4.05 -21.02 3.12
N THR A 180 -3.10 -20.51 3.90
CA THR A 180 -3.02 -19.07 4.15
C THR A 180 -2.04 -18.41 3.18
N HIS A 181 -2.19 -17.09 2.97
CA HIS A 181 -1.48 -16.41 1.91
C HIS A 181 -0.52 -15.32 2.35
N TPO A 182 0.05 -15.47 3.56
CA TPO A 182 0.99 -14.49 4.07
CB TPO A 182 1.21 -14.71 5.57
CG2 TPO A 182 2.58 -14.22 6.06
OG1 TPO A 182 0.18 -14.03 6.29
P TPO A 182 -0.63 -15.20 7.07
O1P TPO A 182 -0.22 -15.25 8.49
O2P TPO A 182 -2.20 -14.92 6.94
O3P TPO A 182 -0.29 -16.61 6.37
C TPO A 182 2.31 -14.50 3.33
O TPO A 182 2.81 -13.45 2.92
N PHE A 183 2.87 -15.69 3.16
CA PHE A 183 4.24 -15.84 2.67
C PHE A 183 4.35 -15.92 1.14
N CYS A 184 3.26 -15.64 0.43
CA CYS A 184 3.22 -15.92 -1.01
C CYS A 184 4.12 -15.02 -1.86
N GLY A 185 4.03 -13.72 -1.66
CA GLY A 185 4.94 -12.81 -2.32
C GLY A 185 6.02 -12.45 -1.32
N THR A 186 6.75 -11.38 -1.60
CA THR A 186 7.82 -10.95 -0.72
C THR A 186 7.29 -10.65 0.69
N ILE A 187 8.07 -10.98 1.70
CA ILE A 187 7.71 -10.76 3.09
C ILE A 187 8.63 -9.68 3.65
N GLU A 188 9.41 -9.06 2.75
CA GLU A 188 10.43 -8.09 3.13
C GLU A 188 9.89 -6.83 3.78
N TYR A 189 8.58 -6.58 3.72
CA TYR A 189 8.04 -5.38 4.36
C TYR A 189 7.07 -5.72 5.49
N MET A 190 7.05 -6.98 5.88
CA MET A 190 6.10 -7.48 6.87
C MET A 190 6.73 -7.56 8.24
N ALA A 191 5.99 -7.14 9.26
CA ALA A 191 6.49 -7.08 10.62
C ALA A 191 6.80 -8.48 11.18
N PRO A 192 7.79 -8.57 12.08
CA PRO A 192 8.19 -9.85 12.67
C PRO A 192 7.00 -10.65 13.20
N GLU A 193 6.08 -9.98 13.89
CA GLU A 193 4.99 -10.71 14.54
C GLU A 193 4.01 -11.33 13.51
N ILE A 194 3.96 -10.76 12.31
CA ILE A 194 3.16 -11.38 11.25
C ILE A 194 3.80 -12.69 10.77
N LEU A 195 5.11 -12.68 10.60
CA LEU A 195 5.84 -13.85 10.14
C LEU A 195 5.74 -14.98 11.17
N MET A 196 5.70 -14.59 12.44
CA MET A 196 5.63 -15.57 13.51
C MET A 196 4.20 -16.03 13.80
N ARG A 197 3.21 -15.34 13.22
CA ARG A 197 1.80 -15.64 13.46
C ARG A 197 1.47 -15.63 14.96
N SER A 198 2.13 -14.75 15.70
CA SER A 198 2.00 -14.69 17.15
C SER A 198 0.90 -13.71 17.58
N GLY A 199 0.09 -13.28 16.63
CA GLY A 199 -0.89 -12.25 16.90
C GLY A 199 -0.31 -10.86 16.70
N HIS A 200 -1.12 -9.94 16.18
CA HIS A 200 -0.64 -8.61 15.87
C HIS A 200 -1.77 -7.60 15.79
N ASN A 201 -1.43 -6.32 15.63
CA ASN A 201 -2.42 -5.26 15.47
C ASN A 201 -1.90 -4.19 14.52
N ARG A 202 -2.41 -2.97 14.65
CA ARG A 202 -2.08 -1.91 13.70
C ARG A 202 -0.60 -1.53 13.70
N ALA A 203 0.12 -1.83 14.79
CA ALA A 203 1.55 -1.58 14.87
C ALA A 203 2.30 -2.16 13.67
N VAL A 204 1.78 -3.25 13.10
CA VAL A 204 2.43 -3.87 11.95
C VAL A 204 2.49 -2.90 10.77
N ASP A 205 1.55 -1.97 10.69
CA ASP A 205 1.48 -1.11 9.52
C ASP A 205 2.54 -0.04 9.65
N TRP A 206 2.88 0.33 10.88
CA TRP A 206 3.91 1.34 11.08
C TRP A 206 5.29 0.73 10.90
N TRP A 207 5.45 -0.55 11.24
CA TRP A 207 6.63 -1.29 10.82
C TRP A 207 6.78 -1.28 9.29
N SER A 208 5.70 -1.57 8.59
CA SER A 208 5.81 -1.72 7.16
C SER A 208 6.11 -0.38 6.49
N LEU A 209 5.54 0.70 7.04
CA LEU A 209 5.91 2.07 6.64
C LEU A 209 7.40 2.32 6.79
N GLY A 210 8.00 1.83 7.89
CA GLY A 210 9.44 1.99 8.06
C GLY A 210 10.22 1.18 7.04
N ALA A 211 9.73 0.00 6.70
CA ALA A 211 10.43 -0.85 5.75
C ALA A 211 10.35 -0.19 4.37
N LEU A 212 9.19 0.37 4.06
CA LEU A 212 9.01 1.10 2.81
C LEU A 212 9.89 2.33 2.77
N MET A 213 9.89 3.10 3.85
CA MET A 213 10.72 4.29 3.97
C MET A 213 12.19 3.94 3.77
N TYR A 214 12.61 2.82 4.35
CA TYR A 214 13.99 2.36 4.22
C TYR A 214 14.33 2.00 2.76
N ASP A 215 13.44 1.23 2.12
CA ASP A 215 13.58 0.90 0.69
C ASP A 215 13.72 2.17 -0.16
N MET A 216 12.81 3.12 0.04
CA MET A 216 12.86 4.41 -0.66
C MET A 216 14.23 5.10 -0.54
N LEU A 217 14.74 5.17 0.68
CA LEU A 217 15.92 5.98 0.95
C LEU A 217 17.25 5.27 0.73
N THR A 218 17.24 3.95 0.67
CA THR A 218 18.50 3.21 0.60
C THR A 218 18.60 2.35 -0.63
N GLY A 219 17.48 2.08 -1.28
CA GLY A 219 17.53 1.32 -2.51
C GLY A 219 17.18 -0.14 -2.34
N ALA A 220 16.94 -0.56 -1.10
CA ALA A 220 16.53 -1.93 -0.77
C ALA A 220 15.85 -1.97 0.60
N PRO A 221 14.99 -2.97 0.84
CA PRO A 221 14.33 -3.10 2.16
C PRO A 221 15.35 -3.42 3.27
N PRO A 222 15.00 -3.16 4.55
CA PRO A 222 16.00 -3.24 5.63
C PRO A 222 16.60 -4.62 5.88
N PHE A 223 15.83 -5.67 5.66
CA PHE A 223 16.25 -7.01 6.05
C PHE A 223 16.09 -7.98 4.88
N THR A 224 17.19 -8.29 4.21
CA THR A 224 17.16 -9.20 3.09
C THR A 224 18.14 -10.34 3.29
N GLY A 225 17.77 -11.53 2.82
CA GLY A 225 18.64 -12.69 2.93
C GLY A 225 19.00 -13.25 1.56
N GLU A 226 19.79 -14.32 1.57
CA GLU A 226 20.15 -15.01 0.33
C GLU A 226 18.98 -15.86 -0.16
N ASN A 227 18.20 -16.35 0.80
CA ASN A 227 16.98 -17.07 0.49
C ASN A 227 15.87 -16.67 1.46
N ARG A 228 14.79 -17.45 1.48
CA ARG A 228 13.62 -17.13 2.30
C ARG A 228 13.95 -17.26 3.79
N LYS A 229 14.41 -18.43 4.20
CA LYS A 229 14.77 -18.72 5.58
C LYS A 229 15.64 -17.63 6.22
N LYS A 230 16.70 -17.23 5.52
CA LYS A 230 17.59 -16.19 6.00
C LYS A 230 16.91 -14.83 6.14
N THR A 231 15.99 -14.51 5.23
CA THR A 231 15.32 -13.21 5.25
C THR A 231 14.42 -13.12 6.47
N ILE A 232 13.73 -14.21 6.74
CA ILE A 232 12.88 -14.29 7.92
C ILE A 232 13.75 -14.12 9.17
N ASP A 233 14.86 -14.86 9.21
CA ASP A 233 15.78 -14.79 10.34
C ASP A 233 16.33 -13.37 10.52
N LYS A 234 16.64 -12.68 9.43
CA LYS A 234 17.12 -11.30 9.58
C LYS A 234 16.00 -10.38 10.08
N ILE A 235 14.77 -10.59 9.62
CA ILE A 235 13.65 -9.78 10.07
C ILE A 235 13.35 -10.03 11.55
N LEU A 236 13.46 -11.28 12.00
CA LEU A 236 13.20 -11.59 13.40
C LEU A 236 14.29 -11.01 14.30
N LYS A 237 15.54 -11.07 13.87
CA LYS A 237 16.64 -10.54 14.68
C LYS A 237 16.54 -9.02 14.74
N CYS A 238 16.08 -8.42 13.65
CA CYS A 238 15.82 -7.00 13.60
C CYS A 238 17.02 -6.15 14.04
N LYS A 239 18.19 -6.41 13.46
CA LYS A 239 19.32 -5.54 13.75
C LYS A 239 19.42 -4.51 12.64
N LEU A 240 18.89 -3.32 12.93
CA LEU A 240 18.82 -2.27 11.94
C LEU A 240 20.21 -1.69 11.62
N ASN A 241 20.50 -1.55 10.33
CA ASN A 241 21.65 -0.81 9.85
C ASN A 241 21.18 0.52 9.29
N LEU A 242 21.47 1.60 10.01
CA LEU A 242 21.10 2.93 9.53
C LEU A 242 22.25 3.57 8.77
N PRO A 243 22.09 3.74 7.45
CA PRO A 243 23.14 4.35 6.63
C PRO A 243 23.45 5.77 7.08
N PRO A 244 24.74 6.14 7.16
CA PRO A 244 25.17 7.43 7.71
C PRO A 244 24.79 8.62 6.85
N TYR A 245 24.43 8.32 5.60
N TYR A 245 24.41 8.36 5.60
CA TYR A 245 24.16 9.34 4.61
CA TYR A 245 24.19 9.45 4.67
C TYR A 245 22.87 10.09 4.93
C TYR A 245 22.75 9.96 4.69
N LEU A 246 21.91 9.38 5.54
CA LEU A 246 20.57 9.90 5.77
C LEU A 246 20.56 11.06 6.76
N THR A 247 19.57 11.95 6.67
CA THR A 247 19.46 13.03 7.66
C THR A 247 19.22 12.45 9.04
N GLN A 248 19.43 13.28 10.05
CA GLN A 248 19.24 12.87 11.43
C GLN A 248 17.77 12.51 11.66
N GLU A 249 16.87 13.30 11.09
CA GLU A 249 15.45 13.13 11.32
C GLU A 249 14.94 11.84 10.64
N ALA A 250 15.52 11.48 9.50
CA ALA A 250 15.16 10.25 8.82
C ALA A 250 15.58 9.02 9.64
N ARG A 251 16.81 9.05 10.16
CA ARG A 251 17.35 7.92 10.91
C ARG A 251 16.58 7.70 12.20
N ASP A 252 16.25 8.80 12.87
CA ASP A 252 15.48 8.70 14.10
C ASP A 252 14.08 8.12 13.85
N LEU A 253 13.43 8.53 12.77
CA LEU A 253 12.13 7.95 12.43
C LEU A 253 12.24 6.47 12.10
N LEU A 254 13.29 6.07 11.40
CA LEU A 254 13.44 4.67 11.02
C LEU A 254 13.69 3.79 12.23
N LYS A 255 14.51 4.29 13.16
CA LYS A 255 14.79 3.62 14.41
C LYS A 255 13.52 3.43 15.22
N LYS A 256 12.60 4.38 15.11
CA LYS A 256 11.39 4.32 15.92
C LYS A 256 10.31 3.46 15.29
N LEU A 257 10.45 3.17 14.01
CA LEU A 257 9.46 2.38 13.28
C LEU A 257 9.83 0.91 13.20
N LEU A 258 11.09 0.65 12.88
CA LEU A 258 11.53 -0.72 12.68
C LEU A 258 12.08 -1.33 13.97
N LYS A 259 11.17 -1.65 14.89
CA LYS A 259 11.50 -2.27 16.16
C LYS A 259 10.75 -3.56 16.34
N ARG A 260 11.44 -4.54 16.88
CA ARG A 260 10.86 -5.85 17.15
C ARG A 260 9.67 -5.74 18.11
N ASN A 261 9.86 -5.01 19.21
CA ASN A 261 8.78 -4.72 20.17
C ASN A 261 7.68 -3.86 19.56
N ALA A 262 6.63 -4.49 19.04
CA ALA A 262 5.55 -3.81 18.35
C ALA A 262 4.99 -2.61 19.12
N ALA A 263 4.73 -2.81 20.40
CA ALA A 263 4.10 -1.78 21.23
C ALA A 263 4.93 -0.51 21.36
N SER A 264 6.25 -0.63 21.23
CA SER A 264 7.13 0.53 21.36
C SER A 264 7.41 1.24 20.02
N ARG A 265 6.70 0.86 18.97
CA ARG A 265 6.87 1.54 17.68
C ARG A 265 6.16 2.89 17.64
N LEU A 266 6.78 3.88 17.02
CA LEU A 266 6.08 5.15 16.80
C LEU A 266 4.81 4.86 15.98
N GLY A 267 3.66 5.35 16.45
CA GLY A 267 2.39 4.97 15.85
C GLY A 267 1.62 3.86 16.56
N ALA A 268 2.33 2.99 17.28
CA ALA A 268 1.70 1.90 18.01
C ALA A 268 0.83 2.37 19.18
N GLY A 269 1.12 3.58 19.66
CA GLY A 269 0.41 4.11 20.81
C GLY A 269 -0.91 4.72 20.45
N PRO A 270 -1.55 5.38 21.43
CA PRO A 270 -2.88 5.99 21.32
C PRO A 270 -2.97 6.98 20.16
N GLY A 271 -1.88 7.71 19.91
CA GLY A 271 -1.90 8.73 18.87
C GLY A 271 -1.94 8.21 17.44
N ASP A 272 -1.75 6.90 17.29
CA ASP A 272 -1.67 6.27 15.98
C ASP A 272 -0.88 7.12 14.97
N ALA A 273 -1.51 7.44 13.84
CA ALA A 273 -0.84 8.17 12.75
C ALA A 273 -0.34 9.53 13.26
N GLY A 274 -1.14 10.12 14.14
CA GLY A 274 -0.77 11.35 14.84
C GLY A 274 0.66 11.33 15.34
N GLU A 275 1.05 10.26 16.02
CA GLU A 275 2.39 10.14 16.57
C GLU A 275 3.45 10.19 15.48
N VAL A 276 3.16 9.57 14.34
CA VAL A 276 4.11 9.48 13.25
C VAL A 276 4.18 10.82 12.54
N GLN A 277 3.02 11.44 12.34
CA GLN A 277 2.92 12.68 11.59
C GLN A 277 3.62 13.84 12.28
N ALA A 278 3.80 13.73 13.59
CA ALA A 278 4.41 14.78 14.37
C ALA A 278 5.92 14.65 14.42
N HIS A 279 6.46 13.64 13.76
CA HIS A 279 7.91 13.46 13.75
C HIS A 279 8.58 14.55 12.93
N PRO A 280 9.74 15.04 13.41
CA PRO A 280 10.54 16.06 12.72
C PRO A 280 10.80 15.74 11.25
N PHE A 281 10.77 14.47 10.89
CA PHE A 281 11.04 14.08 9.52
C PHE A 281 9.98 14.69 8.61
N PHE A 282 8.78 14.87 9.15
CA PHE A 282 7.67 15.45 8.41
C PHE A 282 7.43 16.94 8.73
N ARG A 283 8.43 17.63 9.28
CA ARG A 283 8.21 18.98 9.80
C ARG A 283 7.73 20.00 8.76
N HIS A 284 8.01 19.75 7.48
CA HIS A 284 7.61 20.67 6.41
C HIS A 284 6.23 20.35 5.84
N ILE A 285 5.52 19.39 6.43
CA ILE A 285 4.23 18.98 5.88
C ILE A 285 3.06 19.78 6.44
N ASN A 286 2.38 20.51 5.57
CA ASN A 286 1.06 21.00 5.90
C ASN A 286 0.07 19.87 5.64
N TRP A 287 -0.43 19.27 6.72
CA TRP A 287 -1.33 18.14 6.61
C TRP A 287 -2.67 18.50 5.96
N GLU A 288 -3.13 19.71 6.21
CA GLU A 288 -4.37 20.20 5.61
C GLU A 288 -4.24 20.26 4.09
N GLU A 289 -3.13 20.84 3.62
CA GLU A 289 -2.88 20.95 2.20
C GLU A 289 -2.66 19.60 1.55
N LEU A 290 -1.91 18.74 2.23
CA LEU A 290 -1.60 17.40 1.72
C LEU A 290 -2.88 16.61 1.49
N LEU A 291 -3.70 16.54 2.53
CA LEU A 291 -4.95 15.80 2.48
C LEU A 291 -5.86 16.29 1.37
N ALA A 292 -5.85 17.59 1.11
CA ALA A 292 -6.68 18.16 0.06
C ALA A 292 -6.02 18.02 -1.30
N ARG A 293 -4.82 17.45 -1.30
CA ARG A 293 -4.09 17.16 -2.52
C ARG A 293 -3.78 18.45 -3.26
N LYS A 294 -3.36 19.44 -2.49
CA LYS A 294 -2.95 20.74 -3.01
C LYS A 294 -1.44 20.85 -2.94
N VAL A 295 -0.80 19.82 -2.37
CA VAL A 295 0.65 19.68 -2.43
C VAL A 295 1.02 19.02 -3.75
N GLU A 296 2.00 19.58 -4.45
CA GLU A 296 2.44 19.03 -5.73
C GLU A 296 3.24 17.74 -5.55
N PRO A 297 2.77 16.64 -6.17
CA PRO A 297 3.52 15.38 -6.12
C PRO A 297 4.86 15.53 -6.83
N PRO A 298 5.90 14.82 -6.35
CA PRO A 298 7.23 14.94 -6.93
C PRO A 298 7.30 14.34 -8.32
N PHE A 299 6.35 13.47 -8.66
CA PHE A 299 6.29 12.90 -9.99
C PHE A 299 4.87 12.96 -10.52
N LYS A 300 4.76 13.34 -11.79
CA LYS A 300 3.48 13.51 -12.47
C LYS A 300 3.42 12.58 -13.66
N PRO A 301 2.69 11.47 -13.52
CA PRO A 301 2.58 10.37 -14.49
C PRO A 301 2.12 10.81 -15.88
N LEU A 302 1.26 11.83 -15.90
CA LEU A 302 0.79 12.37 -17.16
C LEU A 302 1.93 13.03 -17.96
N LEU A 303 2.96 13.49 -17.26
CA LEU A 303 4.08 14.18 -17.89
C LEU A 303 5.22 13.22 -18.23
N GLN A 304 5.11 11.97 -17.76
CA GLN A 304 6.14 10.98 -18.02
C GLN A 304 5.80 10.15 -19.26
ZN ZN B . -1.03 -16.84 -2.42
N01 FZ9 C . -6.49 1.07 -11.38
C02 FZ9 C . -5.43 0.49 -11.96
N03 FZ9 C . -4.75 -0.60 -11.60
C04 FZ9 C . -5.14 -1.25 -10.51
N05 FZ9 C . -4.43 -2.40 -10.12
C06 FZ9 C . -4.83 -3.24 -8.92
C07 FZ9 C . -4.51 -4.67 -9.01
C08 FZ9 C . -3.49 -5.14 -9.72
C09 FZ9 C . -3.19 -6.54 -9.83
C10 FZ9 C . -3.95 -7.69 -9.40
C11 FZ9 C . -5.17 -7.89 -8.76
C12 FZ9 C . -5.62 -9.17 -8.49
C13 FZ9 C . -4.86 -10.30 -8.85
C14 FZ9 C . -3.65 -10.16 -9.46
C15 FZ9 C . -3.20 -8.85 -9.74
N16 FZ9 C . -2.03 -8.43 -10.36
C17 FZ9 C . -2.04 -7.03 -10.42
C18 FZ9 C . -2.61 -4.17 -10.44
C19 FZ9 C . -3.31 -2.91 -10.93
C20 FZ9 C . -6.26 -0.77 -9.77
C21 FZ9 C . -7.01 -1.09 -8.59
N22 FZ9 C . -8.00 -0.20 -8.40
N23 FZ9 C . -7.93 0.71 -9.41
C24 FZ9 C . -6.89 0.40 -10.26
#